data_7BGT
#
_entry.id   7BGT
#
_cell.length_a   29.296
_cell.length_b   67.618
_cell.length_c   69.716
_cell.angle_alpha   76.845
_cell.angle_beta   83.875
_cell.angle_gamma   83.645
#
_symmetry.space_group_name_H-M   'P 1'
#
loop_
_entity.id
_entity.type
_entity.pdbx_description
1 polymer 'Gag-Pro-Pol polyprotein'
2 polymer 'peptidomimetic inhibitor'
3 non-polymer 'ACETATE ION'
4 non-polymer 'PENTAETHYLENE GLYCOL'
5 water water
#
loop_
_entity_poly.entity_id
_entity_poly.type
_entity_poly.pdbx_seq_one_letter_code
_entity_poly.pdbx_strand_id
1 'polypeptide(L)'
;WVQPITAQKPSLTLWLDDKMFTGLINTGADVTIIKLEDWPPNWPITDTLTNLRGIGQSNNPKQSSKYLTWRDKENNSGLI
KPFVIPNLPVNLWGRDLLSQMKIMMASPNDIVTA
;
A,B,C,D
2 'polypeptide(L)' PYV(PSA)AMH G,F
#
loop_
_chem_comp.id
_chem_comp.type
_chem_comp.name
_chem_comp.formula
1PE non-polymer 'PENTAETHYLENE GLYCOL' 'C10 H22 O6'
ACT non-polymer 'ACETATE ION' 'C2 H3 O2 -1'
PSA peptide-like '3-HYDROXY-4-AMINO-5-PHENYLPENTANOIC ACID' 'C11 H15 N O3'
#
# COMPACT_ATOMS: atom_id res chain seq x y z
N TRP A 1 11.54 -20.58 27.54
CA TRP A 1 10.32 -21.00 26.87
C TRP A 1 10.60 -21.52 25.47
N VAL A 2 9.61 -22.18 24.87
CA VAL A 2 9.74 -22.73 23.53
C VAL A 2 8.44 -22.46 22.77
N GLN A 3 8.56 -22.05 21.50
CA GLN A 3 7.38 -21.78 20.68
C GLN A 3 7.57 -22.26 19.24
N PRO A 4 6.79 -23.22 18.78
CA PRO A 4 6.93 -23.68 17.39
C PRO A 4 6.48 -22.61 16.41
N ILE A 5 7.07 -22.63 15.24
CA ILE A 5 6.65 -21.77 14.13
C ILE A 5 5.61 -22.55 13.36
N THR A 6 4.41 -21.99 13.26
CA THR A 6 3.28 -22.61 12.59
C THR A 6 2.65 -21.57 11.68
N ALA A 7 1.49 -21.89 11.08
CA ALA A 7 0.79 -20.89 10.27
C ALA A 7 0.23 -19.76 11.11
N GLN A 8 0.04 -19.98 12.40
CA GLN A 8 -0.46 -18.94 13.28
C GLN A 8 0.63 -17.93 13.60
N LYS A 9 0.20 -16.71 13.89
CA LYS A 9 1.12 -15.59 14.19
C LYS A 9 1.92 -15.89 15.46
N PRO A 10 3.27 -15.92 15.40
CA PRO A 10 4.07 -16.13 16.60
C PRO A 10 4.05 -14.86 17.45
N SER A 11 3.54 -14.98 18.65
CA SER A 11 3.24 -13.79 19.43
C SER A 11 4.03 -13.83 20.73
N LEU A 12 4.25 -12.64 21.29
CA LEU A 12 5.02 -12.51 22.51
C LEU A 12 4.41 -11.36 23.30
N THR A 13 4.22 -11.55 24.59
CA THR A 13 3.67 -10.50 25.45
C THR A 13 4.72 -10.08 26.46
N LEU A 14 4.97 -8.77 26.56
CA LEU A 14 6.03 -8.27 27.43
C LEU A 14 5.66 -6.86 27.90
N TRP A 15 6.44 -6.33 28.83
CA TRP A 15 6.32 -4.94 29.27
C TRP A 15 7.37 -4.05 28.63
N LEU A 16 6.94 -2.85 28.21
CA LEU A 16 7.83 -1.74 27.86
C LEU A 16 7.60 -0.63 28.88
N ASP A 17 8.65 -0.25 29.60
CA ASP A 17 8.52 0.54 30.81
C ASP A 17 7.36 -0.05 31.60
N ASP A 18 6.32 0.71 31.88
CA ASP A 18 5.34 0.15 32.80
C ASP A 18 4.10 -0.45 32.14
N LYS A 19 4.06 -0.61 30.81
CA LYS A 19 2.84 -0.99 30.10
CA LYS A 19 2.85 -1.00 30.11
C LYS A 19 3.04 -2.31 29.38
N MET A 20 2.03 -3.18 29.44
CA MET A 20 2.10 -4.47 28.76
C MET A 20 1.68 -4.35 27.31
N PHE A 21 2.45 -4.98 26.43
CA PHE A 21 2.20 -5.00 24.98
C PHE A 21 2.28 -6.44 24.49
N THR A 22 1.42 -6.77 23.55
CA THR A 22 1.52 -8.02 22.83
C THR A 22 1.95 -7.71 21.40
N GLY A 23 2.80 -8.56 20.83
CA GLY A 23 3.26 -8.31 19.48
C GLY A 23 3.59 -9.58 18.74
N LEU A 24 3.90 -9.41 17.46
CA LEU A 24 4.28 -10.51 16.57
C LEU A 24 5.81 -10.61 16.50
N ILE A 25 6.35 -11.82 16.70
CA ILE A 25 7.78 -12.06 16.55
C ILE A 25 8.15 -11.92 15.07
N ASN A 26 8.99 -10.93 14.76
CA ASN A 26 9.31 -10.57 13.37
C ASN A 26 10.82 -10.64 13.12
N THR A 27 11.32 -11.84 12.82
CA THR A 27 12.73 -11.94 12.46
C THR A 27 13.06 -11.20 11.18
N GLY A 28 12.06 -10.78 10.39
CA GLY A 28 12.43 -10.14 9.14
C GLY A 28 12.98 -8.73 9.26
N ALA A 29 12.82 -8.07 10.41
CA ALA A 29 13.27 -6.70 10.59
C ALA A 29 14.22 -6.57 11.78
N ASP A 30 15.29 -5.80 11.62
CA ASP A 30 16.18 -5.57 12.76
C ASP A 30 15.68 -4.50 13.73
N VAL A 31 14.47 -3.95 13.54
CA VAL A 31 13.94 -2.89 14.41
C VAL A 31 12.55 -3.30 14.89
N THR A 32 12.13 -2.72 16.02
CA THR A 32 10.84 -3.00 16.62
C THR A 32 9.86 -1.88 16.31
N ILE A 33 8.60 -2.23 16.06
CA ILE A 33 7.58 -1.24 15.68
C ILE A 33 6.38 -1.39 16.60
N ILE A 34 5.97 -0.27 17.21
CA ILE A 34 4.75 -0.23 18.02
C ILE A 34 3.69 0.55 17.25
N LYS A 35 2.47 0.04 17.24
CA LYS A 35 1.40 0.76 16.54
C LYS A 35 1.03 2.04 17.27
N LEU A 36 0.85 3.12 16.49
CA LEU A 36 0.52 4.41 17.09
C LEU A 36 -0.72 4.34 17.97
N GLU A 37 -1.71 3.54 17.58
CA GLU A 37 -2.93 3.41 18.37
C GLU A 37 -2.67 2.81 19.76
N ASP A 38 -1.57 2.08 19.93
CA ASP A 38 -1.20 1.52 21.23
C ASP A 38 -0.18 2.37 21.98
N TRP A 39 0.32 3.42 21.38
CA TRP A 39 1.39 4.20 21.99
C TRP A 39 0.82 5.15 23.03
N PRO A 40 1.30 5.13 24.28
CA PRO A 40 0.80 6.08 25.29
C PRO A 40 1.05 7.51 24.85
N PRO A 41 0.01 8.35 24.86
CA PRO A 41 0.14 9.71 24.31
C PRO A 41 1.15 10.58 25.03
N ASN A 42 1.42 10.29 26.31
CA ASN A 42 2.38 11.01 27.12
C ASN A 42 3.81 10.54 26.92
N TRP A 43 4.03 9.49 26.13
CA TRP A 43 5.39 9.05 25.83
C TRP A 43 5.89 9.83 24.60
N PRO A 44 6.97 10.58 24.71
CA PRO A 44 7.38 11.42 23.57
C PRO A 44 7.93 10.61 22.40
N ILE A 45 7.63 11.08 21.20
CA ILE A 45 8.16 10.51 19.97
C ILE A 45 8.78 11.64 19.16
N THR A 46 9.64 11.27 18.21
CA THR A 46 10.36 12.25 17.43
C THR A 46 10.44 11.79 15.99
N ASP A 47 10.66 12.75 15.09
CA ASP A 47 10.94 12.41 13.70
C ASP A 47 12.28 11.69 13.58
N THR A 48 12.39 10.81 12.58
CA THR A 48 13.62 10.09 12.29
C THR A 48 13.99 10.23 10.81
N LEU A 49 15.22 9.83 10.50
CA LEU A 49 15.66 9.71 9.12
C LEU A 49 15.57 8.28 8.61
N THR A 50 15.07 7.36 9.42
CA THR A 50 14.98 5.98 8.99
C THR A 50 13.82 5.81 8.02
N ASN A 51 14.01 4.94 7.04
CA ASN A 51 12.97 4.54 6.11
C ASN A 51 12.74 3.05 6.28
N LEU A 52 11.52 2.70 6.61
CA LEU A 52 11.10 1.31 6.70
C LEU A 52 10.64 0.89 5.31
N ARG A 53 11.28 -0.14 4.75
CA ARG A 53 11.00 -0.53 3.39
C ARG A 53 9.84 -1.51 3.46
N GLY A 54 8.76 -1.21 2.74
CA GLY A 54 7.61 -2.06 2.78
C GLY A 54 7.36 -2.85 1.52
N ILE A 55 6.09 -3.13 1.27
CA ILE A 55 5.68 -3.88 0.08
C ILE A 55 5.46 -2.85 -1.02
N GLY A 56 6.51 -2.57 -1.78
CA GLY A 56 6.43 -1.59 -2.85
C GLY A 56 6.06 -0.20 -2.37
N GLN A 57 6.57 0.20 -1.19
CA GLN A 57 6.24 1.49 -0.58
C GLN A 57 7.05 1.66 0.71
N SER A 58 7.59 2.87 0.92
CA SER A 58 8.43 3.15 2.12
C SER A 58 7.73 4.16 3.03
N ASN A 59 7.67 3.86 4.33
CA ASN A 59 7.03 4.76 5.32
C ASN A 59 8.13 5.38 6.20
N ASN A 60 7.96 6.64 6.59
CA ASN A 60 8.93 7.34 7.46
C ASN A 60 8.34 7.36 8.88
N PRO A 61 8.80 6.51 9.82
CA PRO A 61 8.20 6.44 11.14
C PRO A 61 8.73 7.49 12.10
N LYS A 62 7.91 7.75 13.11
CA LYS A 62 8.40 8.38 14.33
C LYS A 62 9.13 7.31 15.15
N GLN A 63 9.89 7.76 16.15
CA GLN A 63 10.59 6.84 17.03
C GLN A 63 10.49 7.36 18.46
N SER A 64 10.49 6.43 19.39
CA SER A 64 10.48 6.78 20.80
C SER A 64 11.63 7.74 21.10
N SER A 65 11.33 8.84 21.78
CA SER A 65 12.36 9.80 22.15
C SER A 65 13.34 9.19 23.15
N LYS A 66 12.83 8.35 24.05
CA LYS A 66 13.58 7.72 25.11
C LYS A 66 13.75 6.24 24.82
N TYR A 67 14.82 5.67 25.36
CA TYR A 67 14.92 4.23 25.41
C TYR A 67 13.90 3.71 26.43
N LEU A 68 13.29 2.57 26.11
CA LEU A 68 12.34 1.93 27.00
C LEU A 68 12.97 0.65 27.56
N THR A 69 12.70 0.37 28.82
CA THR A 69 13.09 -0.89 29.44
C THR A 69 12.08 -1.95 29.04
N TRP A 70 12.52 -2.99 28.34
CA TRP A 70 11.61 -4.11 28.11
C TRP A 70 11.81 -5.11 29.23
N ARG A 71 10.75 -5.85 29.54
CA ARG A 71 10.83 -6.91 30.53
C ARG A 71 9.88 -8.01 30.10
N ASP A 72 10.35 -9.26 30.12
CA ASP A 72 9.49 -10.40 29.74
C ASP A 72 8.87 -11.02 31.01
N LYS A 73 8.17 -12.14 30.85
CA LYS A 73 7.48 -12.83 31.98
C LYS A 73 8.47 -13.55 32.91
N GLU A 74 9.70 -13.78 32.46
CA GLU A 74 10.75 -14.44 33.29
C GLU A 74 11.64 -13.37 33.93
N ASN A 75 11.27 -12.09 33.80
CA ASN A 75 12.04 -10.99 34.39
C ASN A 75 13.42 -10.82 33.76
N ASN A 76 13.65 -11.32 32.54
CA ASN A 76 14.75 -10.81 31.72
C ASN A 76 14.42 -9.39 31.28
N SER A 77 15.47 -8.59 31.03
CA SER A 77 15.19 -7.21 30.67
C SER A 77 16.32 -6.65 29.82
N GLY A 78 16.01 -5.52 29.19
CA GLY A 78 17.00 -4.74 28.47
C GLY A 78 16.39 -3.44 27.98
N LEU A 79 17.02 -2.86 26.96
CA LEU A 79 16.61 -1.56 26.42
C LEU A 79 16.38 -1.61 24.92
N ILE A 80 15.31 -0.94 24.46
CA ILE A 80 15.03 -0.75 23.05
C ILE A 80 14.42 0.64 22.83
N LYS A 81 14.57 1.15 21.61
CA LYS A 81 13.98 2.42 21.19
C LYS A 81 13.11 2.10 19.96
N PRO A 82 11.86 1.69 20.16
CA PRO A 82 11.03 1.27 19.02
C PRO A 82 10.57 2.44 18.16
N PHE A 83 10.28 2.12 16.90
CA PHE A 83 9.57 3.06 16.05
C PHE A 83 8.07 2.96 16.29
N VAL A 84 7.36 4.03 15.91
CA VAL A 84 5.94 4.17 16.15
C VAL A 84 5.30 4.62 14.85
N ILE A 85 4.38 3.81 14.32
CA ILE A 85 3.76 4.02 13.00
C ILE A 85 2.25 3.78 13.09
N PRO A 86 1.42 4.56 12.43
CA PRO A 86 -0.02 4.27 12.40
C PRO A 86 -0.34 3.21 11.35
N ASN A 87 -1.58 2.71 11.43
CA ASN A 87 -2.18 1.81 10.44
C ASN A 87 -1.45 0.48 10.34
N LEU A 88 -0.78 0.08 11.38
CA LEU A 88 -0.22 -1.26 11.42
C LEU A 88 -1.15 -2.15 12.24
N PRO A 89 -1.46 -3.38 11.81
CA PRO A 89 -2.43 -4.19 12.55
C PRO A 89 -1.92 -4.74 13.88
N VAL A 90 -0.62 -5.00 14.03
CA VAL A 90 -0.03 -5.58 15.24
C VAL A 90 1.30 -4.92 15.55
N ASN A 91 1.68 -4.92 16.83
CA ASN A 91 3.05 -4.59 17.18
C ASN A 91 4.01 -5.63 16.65
N LEU A 92 5.22 -5.21 16.30
CA LEU A 92 6.19 -6.09 15.64
C LEU A 92 7.49 -6.10 16.43
N TRP A 93 7.80 -7.23 17.05
CA TRP A 93 9.05 -7.40 17.78
C TRP A 93 10.16 -7.73 16.77
N GLY A 94 11.14 -6.84 16.62
CA GLY A 94 12.22 -7.06 15.69
C GLY A 94 13.45 -7.67 16.36
N ARG A 95 14.47 -7.92 15.54
CA ARG A 95 15.66 -8.63 16.00
C ARG A 95 16.47 -7.81 17.01
N ASP A 96 16.30 -6.49 17.04
CA ASP A 96 16.94 -5.72 18.10
C ASP A 96 16.46 -6.21 19.46
N LEU A 97 15.17 -6.48 19.58
CA LEU A 97 14.62 -7.01 20.82
C LEU A 97 14.92 -8.50 20.95
N LEU A 98 14.64 -9.26 19.88
CA LEU A 98 14.78 -10.71 19.94
C LEU A 98 16.21 -11.11 20.27
N SER A 99 17.21 -10.35 19.79
CA SER A 99 18.59 -10.67 20.11
C SER A 99 18.90 -10.43 21.58
N GLN A 100 18.26 -9.44 22.21
CA GLN A 100 18.52 -9.22 23.62
C GLN A 100 17.84 -10.28 24.48
N MET A 101 16.77 -10.89 23.98
CA MET A 101 16.19 -12.01 24.69
C MET A 101 16.93 -13.30 24.39
N LYS A 102 17.97 -13.23 23.58
CA LYS A 102 18.80 -14.41 23.26
C LYS A 102 17.96 -15.56 22.68
N ILE A 103 17.01 -15.22 21.84
CA ILE A 103 16.15 -16.24 21.24
C ILE A 103 16.93 -16.97 20.15
N MET A 104 16.82 -18.29 20.13
CA MET A 104 17.41 -19.17 19.14
C MET A 104 16.31 -19.74 18.26
N MET A 105 16.66 -20.06 17.01
CA MET A 105 15.83 -20.91 16.18
C MET A 105 16.52 -22.25 16.02
N ALA A 106 15.78 -23.33 16.21
CA ALA A 106 16.37 -24.66 16.19
C ALA A 106 15.43 -25.61 15.45
N SER A 107 16.01 -26.63 14.85
CA SER A 107 15.28 -27.71 14.18
C SER A 107 15.84 -29.04 14.63
N PRO A 108 15.02 -30.10 14.62
CA PRO A 108 15.52 -31.44 14.99
C PRO A 108 16.70 -31.90 14.14
N TRP B 1 19.64 -28.36 13.38
CA TRP B 1 20.51 -27.19 13.44
C TRP B 1 19.97 -26.12 14.38
N VAL B 2 20.81 -25.14 14.72
CA VAL B 2 20.45 -24.04 15.62
C VAL B 2 21.00 -22.74 15.03
N GLN B 3 20.18 -21.67 15.06
CA GLN B 3 20.63 -20.38 14.56
C GLN B 3 20.17 -19.29 15.52
N PRO B 4 21.10 -18.60 16.16
CA PRO B 4 20.70 -17.51 17.06
C PRO B 4 20.16 -16.35 16.27
N ILE B 5 19.27 -15.59 16.90
CA ILE B 5 18.74 -14.39 16.29
C ILE B 5 19.62 -13.22 16.73
N THR B 6 20.22 -12.55 15.76
CA THR B 6 21.13 -11.44 16.04
C THR B 6 20.73 -10.25 15.18
N ALA B 7 21.55 -9.21 15.20
CA ALA B 7 21.30 -8.06 14.34
C ALA B 7 21.46 -8.41 12.87
N GLN B 8 22.23 -9.46 12.56
CA GLN B 8 22.40 -9.84 11.17
C GLN B 8 21.18 -10.59 10.65
N LYS B 9 21.01 -10.56 9.33
CA LYS B 9 19.84 -11.19 8.70
C LYS B 9 19.92 -12.70 8.86
N PRO B 10 18.92 -13.35 9.47
CA PRO B 10 18.93 -14.82 9.58
C PRO B 10 18.61 -15.41 8.22
N SER B 11 19.53 -16.20 7.70
CA SER B 11 19.51 -16.59 6.30
C SER B 11 19.37 -18.10 6.17
N LEU B 12 18.80 -18.51 5.05
CA LEU B 12 18.58 -19.92 4.77
C LEU B 12 18.72 -20.18 3.27
N THR B 13 19.47 -21.22 2.92
CA THR B 13 19.68 -21.61 1.54
C THR B 13 19.05 -22.97 1.31
N LEU B 14 18.23 -23.07 0.27
CA LEU B 14 17.47 -24.28 -0.01
C LEU B 14 17.41 -24.46 -1.52
N TRP B 15 16.99 -25.64 -1.95
CA TRP B 15 16.59 -25.84 -3.34
C TRP B 15 15.08 -25.72 -3.41
N LEU B 16 14.61 -25.02 -4.44
CA LEU B 16 13.23 -25.12 -4.88
C LEU B 16 13.25 -25.80 -6.22
N ASP B 17 12.58 -26.94 -6.31
CA ASP B 17 12.80 -27.86 -7.42
C ASP B 17 14.30 -28.00 -7.64
N ASP B 18 14.80 -27.67 -8.82
CA ASP B 18 16.21 -27.96 -9.09
C ASP B 18 17.12 -26.75 -8.89
N LYS B 19 16.59 -25.63 -8.39
CA LYS B 19 17.43 -24.40 -8.28
C LYS B 19 17.69 -24.01 -6.83
N MET B 20 18.89 -23.48 -6.56
CA MET B 20 19.24 -23.05 -5.20
C MET B 20 18.88 -21.58 -5.02
N PHE B 21 18.27 -21.28 -3.89
CA PHE B 21 17.86 -19.94 -3.48
C PHE B 21 18.35 -19.65 -2.07
N THR B 22 18.75 -18.41 -1.83
CA THR B 22 19.01 -17.95 -0.48
C THR B 22 17.95 -16.94 -0.09
N GLY B 23 17.50 -16.99 1.17
CA GLY B 23 16.47 -16.07 1.58
C GLY B 23 16.58 -15.73 3.06
N LEU B 24 15.75 -14.78 3.46
CA LEU B 24 15.67 -14.31 4.83
C LEU B 24 14.60 -15.10 5.56
N ILE B 25 14.96 -15.68 6.71
CA ILE B 25 13.97 -16.32 7.57
C ILE B 25 13.09 -15.24 8.20
N ASN B 26 11.80 -15.21 7.83
CA ASN B 26 10.92 -14.12 8.26
C ASN B 26 9.69 -14.70 8.96
N THR B 27 9.78 -14.86 10.29
CA THR B 27 8.63 -15.34 11.03
C THR B 27 7.44 -14.37 10.94
N GLY B 28 7.70 -13.13 10.52
CA GLY B 28 6.69 -12.10 10.32
C GLY B 28 5.89 -12.22 9.03
N ALA B 29 6.26 -13.15 8.14
CA ALA B 29 5.61 -13.29 6.85
C ALA B 29 4.73 -14.53 6.87
N ASP B 30 3.48 -14.38 6.43
CA ASP B 30 2.59 -15.53 6.38
C ASP B 30 2.99 -16.47 5.24
N VAL B 31 3.50 -15.90 4.16
CA VAL B 31 3.75 -16.62 2.93
C VAL B 31 5.17 -16.34 2.47
N THR B 32 5.66 -17.20 1.58
CA THR B 32 7.01 -17.10 1.04
C THR B 32 6.97 -16.31 -0.26
N ILE B 33 7.98 -15.44 -0.46
CA ILE B 33 8.04 -14.58 -1.63
C ILE B 33 9.41 -14.71 -2.28
N ILE B 34 9.43 -14.98 -3.58
CA ILE B 34 10.67 -15.03 -4.37
C ILE B 34 10.75 -13.77 -5.22
N LYS B 35 11.95 -13.20 -5.31
CA LYS B 35 12.18 -12.03 -6.15
C LYS B 35 11.97 -12.38 -7.62
N LEU B 36 11.27 -11.49 -8.34
CA LEU B 36 11.10 -11.69 -9.78
C LEU B 36 12.45 -11.81 -10.48
N GLU B 37 13.44 -11.04 -10.02
CA GLU B 37 14.76 -11.07 -10.63
C GLU B 37 15.44 -12.42 -10.49
N ASP B 38 15.07 -13.20 -9.48
CA ASP B 38 15.61 -14.54 -9.27
C ASP B 38 14.73 -15.64 -9.85
N TRP B 39 13.54 -15.30 -10.35
CA TRP B 39 12.59 -16.32 -10.75
C TRP B 39 12.97 -16.85 -12.13
N PRO B 40 13.19 -18.16 -12.29
CA PRO B 40 13.50 -18.70 -13.61
C PRO B 40 12.42 -18.38 -14.62
N PRO B 41 12.78 -17.82 -15.77
CA PRO B 41 11.75 -17.35 -16.72
C PRO B 41 10.86 -18.44 -17.28
N ASN B 42 11.31 -19.70 -17.30
CA ASN B 42 10.52 -20.82 -17.79
C ASN B 42 9.60 -21.42 -16.74
N TRP B 43 9.65 -20.95 -15.49
CA TRP B 43 8.75 -21.45 -14.46
C TRP B 43 7.44 -20.66 -14.53
N PRO B 44 6.30 -21.31 -14.73
CA PRO B 44 5.05 -20.57 -14.92
C PRO B 44 4.57 -19.89 -13.65
N ILE B 45 3.99 -18.69 -13.81
CA ILE B 45 3.34 -17.98 -12.72
C ILE B 45 1.93 -17.67 -13.17
N THR B 46 1.08 -17.35 -12.20
CA THR B 46 -0.32 -17.14 -12.46
C THR B 46 -0.80 -15.93 -11.67
N ASP B 47 -1.91 -15.37 -12.13
CA ASP B 47 -2.58 -14.31 -11.42
C ASP B 47 -3.20 -14.82 -10.12
N THR B 48 -3.30 -13.94 -9.12
CA THR B 48 -4.04 -14.20 -7.90
C THR B 48 -4.97 -13.04 -7.63
N LEU B 49 -5.95 -13.27 -6.76
CA LEU B 49 -6.91 -12.21 -6.35
C LEU B 49 -6.63 -11.82 -4.89
N THR B 50 -5.51 -12.31 -4.34
CA THR B 50 -5.16 -12.06 -2.92
C THR B 50 -4.45 -10.71 -2.78
N ASN B 51 -4.26 -10.28 -1.53
CA ASN B 51 -3.58 -9.00 -1.23
C ASN B 51 -2.52 -9.24 -0.14
N LEU B 52 -1.28 -8.84 -0.40
CA LEU B 52 -0.22 -8.94 0.61
C LEU B 52 -0.17 -7.64 1.41
N ARG B 53 -0.39 -7.73 2.72
CA ARG B 53 -0.53 -6.57 3.60
C ARG B 53 0.60 -6.47 4.62
N GLY B 54 1.19 -5.28 4.76
CA GLY B 54 2.11 -5.00 5.85
C GLY B 54 2.31 -3.51 6.01
N ILE B 55 3.45 -3.02 5.53
CA ILE B 55 3.70 -1.58 5.41
C ILE B 55 3.24 -1.24 4.00
N GLY B 56 1.98 -0.87 3.88
CA GLY B 56 1.36 -0.76 2.57
C GLY B 56 0.73 -2.07 2.16
N GLN B 57 0.47 -2.19 0.86
CA GLN B 57 -0.31 -3.31 0.38
C GLN B 57 0.05 -3.56 -1.08
N SER B 58 0.25 -4.84 -1.42
CA SER B 58 0.49 -5.23 -2.80
C SER B 58 -0.70 -6.07 -3.27
N ASN B 59 -1.42 -5.57 -4.26
CA ASN B 59 -2.65 -6.20 -4.71
C ASN B 59 -2.35 -7.20 -5.83
N ASN B 60 -3.08 -8.30 -5.78
CA ASN B 60 -3.05 -9.40 -6.80
C ASN B 60 -1.61 -9.68 -7.23
N PRO B 61 -0.70 -10.13 -6.35
CA PRO B 61 0.67 -10.44 -6.76
C PRO B 61 0.68 -11.74 -7.57
N LYS B 62 1.69 -11.91 -8.40
CA LYS B 62 1.78 -13.18 -9.09
C LYS B 62 2.20 -14.28 -8.12
N GLN B 63 1.92 -15.52 -8.50
CA GLN B 63 2.26 -16.66 -7.69
C GLN B 63 2.68 -17.80 -8.60
N SER B 64 3.59 -18.65 -8.10
CA SER B 64 4.02 -19.82 -8.85
C SER B 64 2.78 -20.63 -9.24
N SER B 65 2.71 -21.02 -10.51
CA SER B 65 1.59 -21.82 -10.99
C SER B 65 1.62 -23.20 -10.37
N LYS B 66 2.81 -23.75 -10.19
CA LYS B 66 3.04 -25.09 -9.71
CA LYS B 66 3.01 -25.09 -9.69
C LYS B 66 3.52 -25.05 -8.26
N TYR B 67 3.19 -26.08 -7.49
CA TYR B 67 3.88 -26.26 -6.23
C TYR B 67 5.34 -26.60 -6.51
N LEU B 68 6.24 -26.09 -5.68
CA LEU B 68 7.66 -26.39 -5.82
C LEU B 68 8.08 -27.31 -4.68
N THR B 69 8.96 -28.26 -4.98
CA THR B 69 9.55 -29.10 -3.93
C THR B 69 10.72 -28.37 -3.30
N TRP B 70 10.59 -28.03 -2.03
CA TRP B 70 11.73 -27.46 -1.33
C TRP B 70 12.56 -28.59 -0.77
N ARG B 71 13.86 -28.36 -0.68
CA ARG B 71 14.74 -29.37 -0.10
C ARG B 71 15.88 -28.66 0.62
N ASP B 72 16.19 -29.09 1.86
CA ASP B 72 17.32 -28.51 2.56
C ASP B 72 18.53 -29.43 2.43
N LYS B 73 19.65 -28.99 3.03
CA LYS B 73 20.93 -29.67 2.90
C LYS B 73 20.94 -31.04 3.56
N GLU B 74 19.96 -31.31 4.43
CA GLU B 74 19.81 -32.60 5.09
C GLU B 74 18.79 -33.49 4.37
N ASN B 75 18.31 -33.05 3.22
CA ASN B 75 17.36 -33.78 2.40
C ASN B 75 15.99 -33.90 3.04
N ASN B 76 15.66 -33.03 4.01
CA ASN B 76 14.26 -32.83 4.34
C ASN B 76 13.58 -32.12 3.18
N SER B 77 12.29 -32.38 2.99
CA SER B 77 11.64 -31.80 1.81
C SER B 77 10.17 -31.58 2.07
N GLY B 78 9.56 -30.78 1.20
CA GLY B 78 8.12 -30.59 1.21
C GLY B 78 7.72 -29.76 0.00
N LEU B 79 6.55 -29.13 0.09
CA LEU B 79 5.97 -28.38 -1.02
C LEU B 79 5.64 -26.96 -0.59
N ILE B 80 5.89 -26.02 -1.50
CA ILE B 80 5.55 -24.62 -1.24
C ILE B 80 5.15 -23.99 -2.57
N LYS B 81 4.29 -22.97 -2.50
CA LYS B 81 3.90 -22.19 -3.68
C LYS B 81 4.12 -20.72 -3.41
N PRO B 82 5.32 -20.21 -3.68
CA PRO B 82 5.64 -18.83 -3.33
C PRO B 82 4.99 -17.83 -4.28
N PHE B 83 4.83 -16.62 -3.76
CA PHE B 83 4.52 -15.47 -4.58
C PHE B 83 5.81 -14.96 -5.22
N VAL B 84 5.66 -14.26 -6.34
CA VAL B 84 6.82 -13.80 -7.11
C VAL B 84 6.59 -12.33 -7.40
N ILE B 85 7.46 -11.47 -6.86
CA ILE B 85 7.22 -10.02 -6.82
C ILE B 85 8.49 -9.26 -7.24
N PRO B 86 8.39 -8.20 -8.03
CA PRO B 86 9.59 -7.41 -8.34
C PRO B 86 9.93 -6.45 -7.21
N ASN B 87 11.13 -5.87 -7.30
CA ASN B 87 11.59 -4.81 -6.41
C ASN B 87 11.65 -5.23 -4.94
N LEU B 88 11.86 -6.52 -4.70
CA LEU B 88 12.08 -7.04 -3.36
C LEU B 88 13.58 -7.11 -3.10
N PRO B 89 14.07 -6.70 -1.92
CA PRO B 89 15.52 -6.73 -1.71
C PRO B 89 16.06 -8.13 -1.50
N VAL B 90 15.32 -9.02 -0.83
CA VAL B 90 15.77 -10.38 -0.56
C VAL B 90 14.59 -11.32 -0.68
N ASN B 91 14.86 -12.59 -1.03
CA ASN B 91 13.79 -13.58 -0.93
C ASN B 91 13.40 -13.75 0.53
N LEU B 92 12.12 -14.06 0.76
CA LEU B 92 11.56 -14.16 2.10
C LEU B 92 11.00 -15.54 2.33
N TRP B 93 11.59 -16.27 3.27
CA TRP B 93 11.01 -17.53 3.74
C TRP B 93 9.95 -17.24 4.81
N GLY B 94 8.69 -17.56 4.49
CA GLY B 94 7.57 -17.31 5.39
C GLY B 94 7.18 -18.53 6.19
N ARG B 95 6.16 -18.36 7.03
CA ARG B 95 5.80 -19.44 7.95
C ARG B 95 5.16 -20.63 7.24
N ASP B 96 4.63 -20.43 6.04
CA ASP B 96 4.14 -21.57 5.27
C ASP B 96 5.27 -22.58 5.04
N LEU B 97 6.47 -22.09 4.75
CA LEU B 97 7.65 -22.95 4.61
C LEU B 97 8.24 -23.33 5.97
N LEU B 98 8.44 -22.34 6.85
CA LEU B 98 9.11 -22.59 8.13
C LEU B 98 8.36 -23.61 8.96
N SER B 99 7.03 -23.61 8.86
CA SER B 99 6.24 -24.58 9.60
C SER B 99 6.49 -26.00 9.11
N GLN B 100 6.86 -26.16 7.84
CA GLN B 100 7.16 -27.50 7.34
C GLN B 100 8.54 -27.98 7.78
N MET B 101 9.45 -27.07 8.10
CA MET B 101 10.76 -27.44 8.59
C MET B 101 10.81 -27.73 10.08
N LYS B 102 9.68 -27.68 10.78
CA LYS B 102 9.61 -28.06 12.20
C LYS B 102 10.54 -27.20 13.07
N ILE B 103 10.61 -25.91 12.76
CA ILE B 103 11.47 -24.99 13.50
C ILE B 103 10.80 -24.55 14.80
N MET B 104 11.58 -24.55 15.88
CA MET B 104 11.16 -24.00 17.16
C MET B 104 11.91 -22.69 17.41
N MET B 105 11.28 -21.80 18.18
CA MET B 105 11.96 -20.67 18.75
C MET B 105 12.08 -20.90 20.24
N ALA B 106 13.27 -20.68 20.79
CA ALA B 106 13.56 -20.99 22.17
C ALA B 106 14.46 -19.93 22.78
N SER B 107 14.40 -19.81 24.10
CA SER B 107 15.27 -18.92 24.84
C SER B 107 16.02 -19.75 25.87
N PRO B 108 17.21 -19.30 26.32
CA PRO B 108 18.02 -20.07 27.27
C PRO B 108 17.28 -20.45 28.55
N TRP C 1 -11.28 30.91 -14.45
CA TRP C 1 -10.08 30.34 -15.07
C TRP C 1 -10.38 29.07 -15.88
N VAL C 2 -9.41 28.66 -16.68
CA VAL C 2 -9.51 27.48 -17.52
C VAL C 2 -8.20 26.71 -17.44
N GLN C 3 -8.31 25.40 -17.33
CA GLN C 3 -7.16 24.50 -17.27
C GLN C 3 -7.45 23.24 -18.08
N PRO C 4 -6.74 23.00 -19.18
CA PRO C 4 -6.97 21.78 -19.95
C PRO C 4 -6.49 20.57 -19.16
N ILE C 5 -7.13 19.43 -19.42
CA ILE C 5 -6.72 18.17 -18.82
C ILE C 5 -5.72 17.52 -19.77
N THR C 6 -4.51 17.28 -19.27
CA THR C 6 -3.45 16.65 -20.07
C THR C 6 -2.82 15.54 -19.24
N ALA C 7 -1.71 14.97 -19.72
CA ALA C 7 -0.97 13.98 -18.96
C ALA C 7 -0.36 14.56 -17.69
N GLN C 8 -0.17 15.86 -17.64
CA GLN C 8 0.40 16.49 -16.46
C GLN C 8 -0.63 16.54 -15.35
N LYS C 9 -0.15 16.58 -14.12
CA LYS C 9 -1.02 16.59 -12.96
C LYS C 9 -1.84 17.88 -12.95
N PRO C 10 -3.18 17.83 -12.93
CA PRO C 10 -3.96 19.06 -12.83
C PRO C 10 -3.92 19.60 -11.41
N SER C 11 -3.39 20.79 -11.26
CA SER C 11 -3.02 21.29 -9.95
C SER C 11 -3.79 22.56 -9.61
N LEU C 12 -3.94 22.80 -8.32
CA LEU C 12 -4.66 23.97 -7.84
C LEU C 12 -4.00 24.42 -6.55
N THR C 13 -3.76 25.71 -6.43
CA THR C 13 -3.15 26.29 -5.24
C THR C 13 -4.16 27.24 -4.59
N LEU C 14 -4.40 27.06 -3.29
CA LEU C 14 -5.38 27.83 -2.55
C LEU C 14 -4.97 27.90 -1.08
N TRP C 15 -5.70 28.70 -0.29
CA TRP C 15 -5.52 28.75 1.15
C TRP C 15 -6.56 27.89 1.87
N LEU C 16 -6.12 27.17 2.89
CA LEU C 16 -7.00 26.58 3.89
C LEU C 16 -6.72 27.30 5.20
N ASP C 17 -7.75 27.90 5.77
CA ASP C 17 -7.61 28.90 6.80
C ASP C 17 -6.51 29.83 6.30
N ASP C 18 -5.43 30.04 7.01
CA ASP C 18 -4.59 31.06 6.39
C ASP C 18 -3.23 30.52 5.96
N LYS C 19 -3.23 29.29 5.44
CA LYS C 19 -2.03 28.65 4.94
C LYS C 19 -2.23 28.22 3.50
N MET C 20 -1.20 28.38 2.68
CA MET C 20 -1.32 28.03 1.27
C MET C 20 -0.96 26.56 1.07
N PHE C 21 -1.78 25.88 0.27
CA PHE C 21 -1.59 24.48 -0.09
C PHE C 21 -1.70 24.35 -1.60
N THR C 22 -0.88 23.48 -2.18
CA THR C 22 -1.04 23.09 -3.57
C THR C 22 -1.48 21.62 -3.59
N GLY C 23 -2.37 21.29 -4.53
CA GLY C 23 -2.88 19.94 -4.60
C GLY C 23 -3.29 19.57 -6.01
N LEU C 24 -3.59 18.27 -6.16
CA LEU C 24 -4.03 17.70 -7.41
C LEU C 24 -5.56 17.69 -7.47
N ILE C 25 -6.12 18.19 -8.57
CA ILE C 25 -7.57 18.12 -8.80
C ILE C 25 -7.98 16.67 -8.99
N ASN C 26 -8.80 16.15 -8.06
CA ASN C 26 -9.16 14.73 -8.02
C ASN C 26 -10.68 14.56 -8.14
N THR C 27 -11.18 14.55 -9.37
CA THR C 27 -12.62 14.34 -9.55
C THR C 27 -13.06 12.95 -9.11
N GLY C 28 -12.14 12.01 -8.93
CA GLY C 28 -12.59 10.68 -8.57
C GLY C 28 -13.07 10.53 -7.14
N ALA C 29 -12.83 11.51 -6.29
CA ALA C 29 -13.17 11.44 -4.87
C ALA C 29 -14.11 12.57 -4.46
N ASP C 30 -15.15 12.26 -3.70
CA ASP C 30 -16.00 13.35 -3.21
C ASP C 30 -15.44 14.01 -1.95
N VAL C 31 -14.29 13.57 -1.43
CA VAL C 31 -13.69 14.13 -0.22
C VAL C 31 -12.28 14.59 -0.53
N THR C 32 -11.78 15.54 0.25
CA THR C 32 -10.44 16.12 0.09
C THR C 32 -9.49 15.48 1.09
N ILE C 33 -8.24 15.26 0.66
CA ILE C 33 -7.20 14.63 1.47
C ILE C 33 -6.01 15.56 1.52
N ILE C 34 -5.53 15.83 2.73
CA ILE C 34 -4.33 16.63 2.96
C ILE C 34 -3.24 15.69 3.45
N LYS C 35 -2.02 15.88 2.94
CA LYS C 35 -0.89 15.08 3.41
C LYS C 35 -0.62 15.35 4.88
N LEU C 36 -0.47 14.28 5.67
CA LEU C 36 -0.15 14.48 7.07
C LEU C 36 1.14 15.29 7.21
N GLU C 37 2.11 15.04 6.34
CA GLU C 37 3.39 15.73 6.43
C GLU C 37 3.24 17.24 6.19
N ASP C 38 2.17 17.66 5.54
CA ASP C 38 1.89 19.07 5.29
C ASP C 38 0.92 19.65 6.30
N TRP C 39 0.40 18.85 7.20
CA TRP C 39 -0.64 19.30 8.11
C TRP C 39 0.00 20.09 9.26
N PRO C 40 -0.41 21.32 9.50
CA PRO C 40 0.14 22.09 10.64
C PRO C 40 -0.13 21.36 11.95
N PRO C 41 0.90 21.12 12.76
CA PRO C 41 0.72 20.31 13.98
C PRO C 41 -0.26 20.88 14.98
N ASN C 42 -0.48 22.20 14.98
CA ASN C 42 -1.39 22.82 15.93
C ASN C 42 -2.84 22.76 15.50
N TRP C 43 -3.14 22.26 14.30
CA TRP C 43 -4.51 22.10 13.84
C TRP C 43 -5.03 20.76 14.33
N PRO C 44 -6.10 20.72 15.10
CA PRO C 44 -6.54 19.44 15.67
C PRO C 44 -7.08 18.51 14.60
N ILE C 45 -6.77 17.23 14.73
CA ILE C 45 -7.35 16.19 13.89
C ILE C 45 -7.96 15.15 14.81
N THR C 46 -8.85 14.35 14.26
CA THR C 46 -9.57 13.39 15.06
C THR C 46 -9.78 12.09 14.30
N ASP C 47 -9.94 11.01 15.07
CA ASP C 47 -10.40 9.76 14.48
C ASP C 47 -11.82 9.95 13.99
N THR C 48 -12.16 9.22 12.94
CA THR C 48 -13.51 9.20 12.43
C THR C 48 -13.97 7.77 12.38
N LEU C 49 -15.28 7.59 12.20
CA LEU C 49 -15.86 6.23 12.06
C LEU C 49 -16.15 5.96 10.58
N THR C 50 -15.78 6.90 9.71
CA THR C 50 -15.99 6.79 8.24
C THR C 50 -14.95 5.84 7.65
N ASN C 51 -15.21 5.29 6.46
CA ASN C 51 -14.26 4.35 5.81
C ASN C 51 -14.06 4.76 4.34
N LEU C 52 -12.84 5.20 4.01
CA LEU C 52 -12.51 5.58 2.65
C LEU C 52 -12.17 4.33 1.84
N ARG C 53 -12.79 4.20 0.68
CA ARG C 53 -12.61 3.01 -0.13
C ARG C 53 -11.37 3.24 -1.00
N GLY C 54 -10.44 2.30 -0.94
CA GLY C 54 -9.19 2.41 -1.65
C GLY C 54 -8.08 2.90 -0.75
N ILE C 55 -8.19 2.65 0.56
CA ILE C 55 -7.20 3.01 1.56
C ILE C 55 -7.01 4.52 1.59
N ASN C 60 -7.88 3.46 8.91
CA ASN C 60 -8.94 4.42 9.20
C ASN C 60 -8.34 5.83 9.32
N PRO C 61 -8.72 6.72 8.40
CA PRO C 61 -8.05 8.02 8.30
C PRO C 61 -8.47 9.01 9.37
N LYS C 62 -7.54 9.90 9.69
CA LYS C 62 -7.85 11.07 10.50
C LYS C 62 -8.58 12.12 9.67
N GLN C 63 -9.25 13.02 10.37
CA GLN C 63 -9.96 14.11 9.72
C GLN C 63 -9.76 15.36 10.54
N SER C 64 -9.78 16.50 9.86
CA SER C 64 -9.70 17.79 10.53
C SER C 64 -10.81 17.87 11.58
N SER C 65 -10.45 18.26 12.80
CA SER C 65 -11.46 18.41 13.84
C SER C 65 -12.45 19.52 13.51
N LYS C 66 -11.97 20.59 12.87
CA LYS C 66 -12.78 21.74 12.55
C LYS C 66 -12.89 21.91 11.04
N TYR C 67 -13.96 22.58 10.61
CA TYR C 67 -14.06 22.97 9.22
C TYR C 67 -13.02 24.03 8.91
N LEU C 68 -12.48 23.98 7.70
CA LEU C 68 -11.49 24.96 7.29
C LEU C 68 -12.12 25.86 6.23
N THR C 69 -11.83 27.15 6.31
CA THR C 69 -12.22 28.08 5.26
C THR C 69 -11.23 27.98 4.11
N TRP C 70 -11.69 27.56 2.95
CA TRP C 70 -10.83 27.57 1.78
C TRP C 70 -11.00 28.91 1.09
N ARG C 71 -9.95 29.34 0.40
CA ARG C 71 -10.02 30.58 -0.36
C ARG C 71 -9.11 30.44 -1.57
N ASP C 72 -9.62 30.79 -2.76
CA ASP C 72 -8.79 30.73 -3.94
C ASP C 72 -8.27 32.12 -4.27
N LYS C 73 -7.44 32.18 -5.32
CA LYS C 73 -6.75 33.43 -5.77
C LYS C 73 -7.74 34.53 -6.18
N GLU C 74 -8.98 34.16 -6.49
CA GLU C 74 -10.00 35.13 -6.85
C GLU C 74 -10.89 35.53 -5.67
N ASN C 75 -10.56 35.07 -4.47
CA ASN C 75 -11.29 35.36 -3.24
C ASN C 75 -12.67 34.71 -3.17
N ASN C 76 -12.95 33.68 -3.98
CA ASN C 76 -14.07 32.80 -3.68
C ASN C 76 -13.71 31.99 -2.44
N SER C 77 -14.72 31.55 -1.68
CA SER C 77 -14.41 30.83 -0.45
C SER C 77 -15.54 29.90 -0.06
N GLY C 78 -15.23 29.00 0.87
CA GLY C 78 -16.22 28.16 1.46
C GLY C 78 -15.59 27.35 2.56
N LEU C 79 -16.22 26.24 2.91
CA LEU C 79 -15.81 25.39 4.00
C LEU C 79 -15.64 23.96 3.54
N ILE C 80 -14.58 23.30 4.01
CA ILE C 80 -14.38 21.87 3.81
C ILE C 80 -13.75 21.31 5.08
N LYS C 81 -13.92 20.00 5.27
CA LYS C 81 -13.30 19.26 6.37
C LYS C 81 -12.51 18.08 5.81
N PRO C 82 -11.25 18.30 5.43
CA PRO C 82 -10.49 17.23 4.76
C PRO C 82 -10.06 16.12 5.72
N PHE C 83 -9.79 14.98 5.11
CA PHE C 83 -9.07 13.91 5.77
C PHE C 83 -7.58 14.18 5.67
N VAL C 84 -6.85 13.56 6.59
CA VAL C 84 -5.42 13.77 6.73
C VAL C 84 -4.77 12.39 6.76
N ILE C 85 -3.90 12.10 5.79
CA ILE C 85 -3.39 10.76 5.55
C ILE C 85 -1.88 10.80 5.32
N PRO C 86 -1.11 9.89 5.89
CA PRO C 86 0.33 9.84 5.62
C PRO C 86 0.65 9.13 4.31
N ASN C 87 1.92 9.29 3.89
CA ASN C 87 2.51 8.61 2.73
C ASN C 87 1.84 8.94 1.41
N LEU C 88 1.18 10.09 1.30
CA LEU C 88 0.67 10.48 0.00
C LEU C 88 1.64 11.44 -0.68
N PRO C 89 1.84 11.34 -2.00
CA PRO C 89 2.78 12.25 -2.64
C PRO C 89 2.26 13.67 -2.77
N VAL C 90 0.95 13.86 -2.89
CA VAL C 90 0.36 15.18 -3.12
C VAL C 90 -0.94 15.30 -2.34
N ASN C 91 -1.30 16.54 -1.99
CA ASN C 91 -2.66 16.81 -1.53
C ASN C 91 -3.66 16.57 -2.67
N LEU C 92 -4.86 16.13 -2.31
CA LEU C 92 -5.88 15.73 -3.28
C LEU C 92 -7.15 16.54 -3.06
N TRP C 93 -7.48 17.40 -4.03
CA TRP C 93 -8.71 18.17 -3.98
C TRP C 93 -9.87 17.34 -4.50
N GLY C 94 -10.83 17.02 -3.63
CA GLY C 94 -11.97 16.21 -4.01
C GLY C 94 -13.15 17.07 -4.42
N ARG C 95 -14.25 16.38 -4.79
CA ARG C 95 -15.42 17.08 -5.34
C ARG C 95 -16.14 17.93 -4.30
N ASP C 96 -15.95 17.64 -3.01
CA ASP C 96 -16.53 18.50 -1.98
C ASP C 96 -16.02 19.93 -2.14
N LEU C 97 -14.73 20.08 -2.42
CA LEU C 97 -14.14 21.39 -2.68
C LEU C 97 -14.45 21.90 -4.08
N LEU C 98 -14.28 21.04 -5.08
CA LEU C 98 -14.42 21.43 -6.48
C LEU C 98 -15.82 21.92 -6.78
N SER C 99 -16.83 21.30 -6.17
CA SER C 99 -18.21 21.73 -6.41
C SER C 99 -18.47 23.10 -5.81
N GLN C 100 -17.80 23.46 -4.70
CA GLN C 100 -17.97 24.78 -4.11
C GLN C 100 -17.27 25.85 -4.93
N MET C 101 -16.25 25.47 -5.70
CA MET C 101 -15.64 26.40 -6.63
C MET C 101 -16.41 26.51 -7.93
N LYS C 102 -17.51 25.79 -8.06
CA LYS C 102 -18.35 25.85 -9.26
C LYS C 102 -17.56 25.50 -10.54
N ILE C 103 -16.67 24.51 -10.44
CA ILE C 103 -15.88 24.12 -11.59
C ILE C 103 -16.74 23.30 -12.54
N MET C 104 -16.62 23.58 -13.82
CA MET C 104 -17.26 22.84 -14.89
C MET C 104 -16.17 22.08 -15.65
N MET C 105 -16.57 20.96 -16.24
CA MET C 105 -15.77 20.32 -17.28
C MET C 105 -16.47 20.52 -18.60
N ALA C 106 -15.72 20.93 -19.62
CA ALA C 106 -16.29 21.23 -20.91
C ALA C 106 -15.36 20.72 -22.01
N SER C 107 -15.96 20.33 -23.12
CA SER C 107 -15.27 19.93 -24.33
C SER C 107 -15.96 20.61 -25.50
N PRO C 108 -15.25 20.84 -26.62
CA PRO C 108 -15.93 21.39 -27.80
C PRO C 108 -17.06 20.48 -28.26
N TRP D 1 -19.87 19.19 -25.09
CA TRP D 1 -20.71 19.10 -23.91
C TRP D 1 -20.09 19.77 -22.68
N VAL D 2 -20.90 19.97 -21.65
CA VAL D 2 -20.49 20.60 -20.41
C VAL D 2 -21.07 19.80 -19.24
N GLN D 3 -20.25 19.57 -18.22
CA GLN D 3 -20.70 18.83 -17.04
C GLN D 3 -20.16 19.47 -15.78
N PRO D 4 -21.02 20.02 -14.91
CA PRO D 4 -20.53 20.60 -13.66
C PRO D 4 -20.02 19.50 -12.74
N ILE D 5 -19.07 19.87 -11.90
CA ILE D 5 -18.56 18.95 -10.88
C ILE D 5 -19.38 19.15 -9.63
N THR D 6 -20.04 18.09 -9.18
CA THR D 6 -20.92 18.13 -8.03
C THR D 6 -20.57 16.99 -7.10
N ALA D 7 -21.40 16.78 -6.07
CA ALA D 7 -21.22 15.64 -5.20
C ALA D 7 -21.48 14.34 -5.93
N GLN D 8 -22.23 14.39 -7.02
CA GLN D 8 -22.53 13.18 -7.76
C GLN D 8 -21.31 12.73 -8.54
N LYS D 9 -21.25 11.43 -8.82
CA LYS D 9 -20.13 10.83 -9.54
C LYS D 9 -20.13 11.37 -10.96
N PRO D 10 -19.06 12.02 -11.42
CA PRO D 10 -19.02 12.45 -12.82
C PRO D 10 -18.76 11.24 -13.70
N SER D 11 -19.72 10.95 -14.57
CA SER D 11 -19.80 9.68 -15.27
C SER D 11 -19.66 9.90 -16.76
N LEU D 12 -19.17 8.89 -17.46
CA LEU D 12 -18.97 8.98 -18.90
C LEU D 12 -19.21 7.61 -19.53
N THR D 13 -20.00 7.57 -20.59
CA THR D 13 -20.29 6.33 -21.31
C THR D 13 -19.69 6.43 -22.69
N LEU D 14 -18.90 5.42 -23.08
CA LEU D 14 -18.15 5.40 -24.32
C LEU D 14 -18.14 3.98 -24.88
N TRP D 15 -17.75 3.86 -26.15
CA TRP D 15 -17.42 2.57 -26.72
C TRP D 15 -15.91 2.41 -26.69
N LEU D 16 -15.46 1.24 -26.30
CA LEU D 16 -14.11 0.78 -26.55
C LEU D 16 -14.24 -0.36 -27.53
N ASP D 17 -13.62 -0.21 -28.70
CA ASP D 17 -13.93 -1.03 -29.85
C ASP D 17 -15.45 -1.17 -29.96
N ASP D 18 -15.98 -2.39 -29.92
CA ASP D 18 -17.39 -2.55 -30.21
C ASP D 18 -18.28 -2.61 -28.97
N LYS D 19 -17.73 -2.35 -27.78
CA LYS D 19 -18.50 -2.53 -26.54
C LYS D 19 -18.66 -1.22 -25.80
N MET D 20 -19.84 -1.00 -25.23
CA MET D 20 -20.09 0.21 -24.47
C MET D 20 -19.69 0.02 -23.01
N PHE D 21 -19.02 1.03 -22.44
CA PHE D 21 -18.56 1.04 -21.05
C PHE D 21 -18.95 2.35 -20.40
N THR D 22 -19.35 2.29 -19.13
CA THR D 22 -19.54 3.49 -18.32
C THR D 22 -18.47 3.57 -17.25
N GLY D 23 -17.96 4.77 -17.01
CA GLY D 23 -16.89 4.90 -16.04
C GLY D 23 -16.92 6.25 -15.37
N LEU D 24 -16.07 6.38 -14.36
CA LEU D 24 -15.95 7.60 -13.57
C LEU D 24 -14.85 8.45 -14.17
N ILE D 25 -15.17 9.71 -14.47
CA ILE D 25 -14.19 10.68 -14.90
C ILE D 25 -13.28 10.98 -13.71
N ASN D 26 -12.02 10.54 -13.77
CA ASN D 26 -11.10 10.67 -12.65
C ASN D 26 -9.82 11.40 -13.09
N THR D 27 -9.83 12.72 -12.95
CA THR D 27 -8.65 13.52 -13.25
C THR D 27 -7.47 13.15 -12.35
N GLY D 28 -7.74 12.46 -11.23
CA GLY D 28 -6.74 11.95 -10.30
C GLY D 28 -6.00 10.71 -10.77
N ALA D 29 -6.42 10.12 -11.87
CA ALA D 29 -5.82 8.89 -12.36
C ALA D 29 -5.00 9.22 -13.61
N ASP D 30 -3.76 8.73 -13.63
CA ASP D 30 -2.91 8.99 -14.77
C ASP D 30 -3.36 8.17 -15.97
N VAL D 31 -3.92 6.98 -15.71
CA VAL D 31 -4.21 5.99 -16.73
C VAL D 31 -5.63 5.48 -16.53
N THR D 32 -6.15 4.83 -17.56
CA THR D 32 -7.52 4.32 -17.54
C THR D 32 -7.54 2.86 -17.10
N ILE D 33 -8.53 2.51 -16.27
CA ILE D 33 -8.63 1.17 -15.71
C ILE D 33 -10.04 0.65 -15.90
N ILE D 34 -10.15 -0.56 -16.44
CA ILE D 34 -11.42 -1.25 -16.62
C ILE D 34 -11.48 -2.41 -15.63
N LYS D 35 -12.67 -2.62 -15.04
CA LYS D 35 -12.89 -3.75 -14.14
C LYS D 35 -12.71 -5.05 -14.90
N LEU D 36 -11.99 -5.99 -14.28
CA LEU D 36 -11.88 -7.32 -14.89
C LEU D 36 -13.25 -7.93 -15.12
N GLU D 37 -14.20 -7.66 -14.22
CA GLU D 37 -15.55 -8.23 -14.35
C GLU D 37 -16.28 -7.73 -15.60
N ASP D 38 -15.90 -6.56 -16.10
CA ASP D 38 -16.49 -5.96 -17.28
C ASP D 38 -15.68 -6.22 -18.54
N TRP D 39 -14.53 -6.87 -18.41
CA TRP D 39 -13.62 -7.05 -19.52
C TRP D 39 -14.07 -8.22 -20.39
N PRO D 40 -14.30 -8.03 -21.69
CA PRO D 40 -14.70 -9.14 -22.54
C PRO D 40 -13.66 -10.25 -22.51
N PRO D 41 -14.08 -11.49 -22.23
CA PRO D 41 -13.11 -12.58 -22.04
C PRO D 41 -12.28 -12.89 -23.27
N ASN D 42 -12.76 -12.57 -24.48
CA ASN D 42 -12.03 -12.82 -25.70
C ASN D 42 -11.04 -11.72 -26.05
N TRP D 43 -11.01 -10.64 -25.27
CA TRP D 43 -10.05 -9.57 -25.48
C TRP D 43 -8.75 -9.92 -24.76
N PRO D 44 -7.62 -10.02 -25.45
CA PRO D 44 -6.40 -10.46 -24.77
C PRO D 44 -5.85 -9.38 -23.84
N ILE D 45 -5.36 -9.83 -22.67
CA ILE D 45 -4.62 -8.98 -21.75
C ILE D 45 -3.30 -9.66 -21.45
N THR D 46 -2.35 -8.87 -20.95
CA THR D 46 -1.00 -9.32 -20.71
C THR D 46 -0.52 -8.75 -19.38
N ASP D 47 0.42 -9.43 -18.75
CA ASP D 47 1.06 -8.88 -17.56
C ASP D 47 1.95 -7.70 -17.94
N THR D 48 2.09 -6.76 -17.01
CA THR D 48 3.04 -5.68 -17.14
C THR D 48 3.88 -5.64 -15.86
N LEU D 49 5.01 -4.96 -15.96
CA LEU D 49 5.82 -4.60 -14.79
C LEU D 49 5.58 -3.15 -14.39
N THR D 50 4.52 -2.54 -14.91
CA THR D 50 4.18 -1.18 -14.53
C THR D 50 3.86 -1.16 -13.04
N ASN D 51 4.19 -0.07 -12.38
CA ASN D 51 3.84 0.06 -10.97
C ASN D 51 2.71 1.06 -10.93
N LEU D 52 1.50 0.56 -10.73
CA LEU D 52 0.33 1.39 -10.57
C LEU D 52 0.21 1.69 -9.10
N ARG D 53 0.47 2.93 -8.72
CA ARG D 53 0.51 3.30 -7.31
C ARG D 53 -0.82 3.95 -6.94
N GLY D 54 -1.48 3.37 -5.95
CA GLY D 54 -2.70 3.95 -5.40
C GLY D 54 -2.39 4.60 -4.08
N ILE D 55 -3.45 4.88 -3.33
CA ILE D 55 -3.30 5.40 -1.98
C ILE D 55 -3.14 4.20 -1.06
N GLY D 56 -1.95 4.06 -0.47
CA GLY D 56 -1.68 2.98 0.47
C GLY D 56 -1.48 1.61 -0.16
N GLN D 57 -1.50 1.53 -1.49
CA GLN D 57 -1.37 0.20 -2.14
C GLN D 57 -0.71 0.35 -3.51
N SER D 58 -0.21 -0.76 -4.05
CA SER D 58 0.45 -0.77 -5.38
C SER D 58 -0.03 -1.99 -6.15
N ASN D 59 0.02 -1.91 -7.48
CA ASN D 59 -0.43 -3.03 -8.35
C ASN D 59 0.47 -3.14 -9.57
N ASN D 60 0.81 -4.37 -9.96
CA ASN D 60 1.50 -4.63 -11.26
C ASN D 60 0.35 -5.12 -12.13
N PRO D 61 -0.51 -4.22 -12.65
CA PRO D 61 -1.75 -4.64 -13.28
C PRO D 61 -1.54 -5.26 -14.65
N LYS D 62 -2.50 -6.08 -15.04
CA LYS D 62 -2.55 -6.50 -16.42
C LYS D 62 -3.00 -5.33 -17.28
N GLN D 63 -2.75 -5.45 -18.57
CA GLN D 63 -3.13 -4.39 -19.51
C GLN D 63 -3.65 -5.03 -20.78
N SER D 64 -4.56 -4.30 -21.45
CA SER D 64 -5.04 -4.74 -22.75
C SER D 64 -3.84 -4.98 -23.66
N SER D 65 -3.80 -6.15 -24.31
CA SER D 65 -2.69 -6.47 -25.20
C SER D 65 -2.67 -5.58 -26.43
N LYS D 66 -3.84 -5.13 -26.88
CA LYS D 66 -3.94 -4.30 -28.07
CA LYS D 66 -3.95 -4.31 -28.06
C LYS D 66 -4.56 -2.95 -27.70
N TYR D 67 -4.28 -1.96 -28.53
CA TYR D 67 -4.93 -0.68 -28.37
C TYR D 67 -6.40 -0.80 -28.75
N LEU D 68 -7.25 -0.07 -28.04
CA LEU D 68 -8.67 -0.05 -28.33
C LEU D 68 -9.04 1.31 -28.90
N THR D 69 -9.94 1.32 -29.89
CA THR D 69 -10.50 2.57 -30.38
C THR D 69 -11.61 3.02 -29.44
N TRP D 70 -11.46 4.18 -28.81
CA TRP D 70 -12.55 4.73 -28.04
C TRP D 70 -13.40 5.60 -28.96
N ARG D 71 -14.69 5.68 -28.66
CA ARG D 71 -15.58 6.53 -29.46
C ARG D 71 -16.66 7.09 -28.54
N ASP D 72 -16.93 8.38 -28.63
CA ASP D 72 -18.02 8.93 -27.82
C ASP D 72 -19.27 9.09 -28.68
N LYS D 73 -20.34 9.57 -28.04
CA LYS D 73 -21.64 9.67 -28.70
C LYS D 73 -21.66 10.67 -29.84
N GLU D 74 -20.65 11.53 -29.92
CA GLU D 74 -20.54 12.46 -31.03
C GLU D 74 -19.60 11.95 -32.12
N ASN D 75 -19.13 10.71 -31.99
CA ASN D 75 -18.25 10.12 -33.02
C ASN D 75 -16.78 10.57 -32.88
N ASN D 76 -16.44 11.40 -31.90
CA ASN D 76 -15.02 11.63 -31.67
C ASN D 76 -14.36 10.32 -31.30
N SER D 77 -13.08 10.17 -31.63
CA SER D 77 -12.46 8.87 -31.38
C SER D 77 -10.96 9.01 -31.16
N GLY D 78 -10.37 7.95 -30.64
CA GLY D 78 -8.93 7.85 -30.53
C GLY D 78 -8.55 6.47 -30.06
N LEU D 79 -7.34 6.36 -29.50
CA LEU D 79 -6.78 5.08 -29.05
C LEU D 79 -6.43 5.12 -27.57
N ILE D 80 -6.71 4.02 -26.89
CA ILE D 80 -6.35 3.87 -25.49
C ILE D 80 -5.99 2.41 -25.26
N LYS D 81 -5.07 2.18 -24.31
CA LYS D 81 -4.68 0.85 -23.91
C LYS D 81 -4.87 0.77 -22.40
N PRO D 82 -6.08 0.45 -21.96
CA PRO D 82 -6.40 0.49 -20.53
C PRO D 82 -5.77 -0.64 -19.76
N PHE D 83 -5.59 -0.41 -18.47
CA PHE D 83 -5.28 -1.48 -17.54
C PHE D 83 -6.57 -2.18 -17.10
N VAL D 84 -6.43 -3.42 -16.67
CA VAL D 84 -7.57 -4.26 -16.32
C VAL D 84 -7.31 -4.90 -14.96
N ILE D 85 -8.14 -4.57 -13.98
CA ILE D 85 -7.85 -4.89 -12.58
C ILE D 85 -9.11 -5.48 -11.94
N PRO D 86 -9.00 -6.55 -11.17
CA PRO D 86 -10.18 -7.10 -10.50
C PRO D 86 -10.51 -6.35 -9.22
N ASN D 87 -11.73 -6.59 -8.74
CA ASN D 87 -12.18 -6.08 -7.44
C ASN D 87 -12.17 -4.56 -7.38
N LEU D 88 -12.33 -3.92 -8.53
CA LEU D 88 -12.46 -2.48 -8.65
C LEU D 88 -13.93 -2.09 -8.62
N PRO D 89 -14.32 -1.04 -7.88
CA PRO D 89 -15.76 -0.74 -7.81
C PRO D 89 -16.32 -0.12 -9.08
N VAL D 90 -15.56 0.72 -9.79
CA VAL D 90 -16.08 1.38 -10.99
C VAL D 90 -14.96 1.50 -12.01
N ASN D 91 -15.31 1.47 -13.29
CA ASN D 91 -14.31 1.80 -14.30
C ASN D 91 -13.85 3.25 -14.13
N LEU D 92 -12.58 3.51 -14.42
CA LEU D 92 -11.96 4.81 -14.18
C LEU D 92 -11.39 5.36 -15.49
N TRP D 93 -11.97 6.45 -15.98
CA TRP D 93 -11.41 7.16 -17.12
C TRP D 93 -10.32 8.09 -16.61
N GLY D 94 -9.07 7.83 -16.99
CA GLY D 94 -7.93 8.61 -16.56
C GLY D 94 -7.53 9.66 -17.60
N ARG D 95 -6.48 10.43 -17.26
CA ARG D 95 -6.11 11.57 -18.09
C ARG D 95 -5.54 11.14 -19.43
N ASP D 96 -5.02 9.91 -19.53
CA ASP D 96 -4.57 9.42 -20.83
C ASP D 96 -5.71 9.46 -21.84
N LEU D 97 -6.91 9.10 -21.41
CA LEU D 97 -8.07 9.22 -22.27
C LEU D 97 -8.63 10.64 -22.27
N LEU D 98 -8.79 11.24 -21.09
CA LEU D 98 -9.42 12.56 -21.00
C LEU D 98 -8.65 13.59 -21.80
N SER D 99 -7.32 13.46 -21.86
CA SER D 99 -6.53 14.39 -22.64
C SER D 99 -6.83 14.29 -24.12
N GLN D 100 -7.25 13.10 -24.58
CA GLN D 100 -7.60 12.95 -25.99
C GLN D 100 -8.94 13.58 -26.33
N MET D 101 -9.84 13.71 -25.36
CA MET D 101 -11.13 14.33 -25.59
C MET D 101 -11.11 15.85 -25.52
N LYS D 102 -9.94 16.47 -25.33
CA LYS D 102 -9.83 17.93 -25.34
C LYS D 102 -10.71 18.57 -24.27
N ILE D 103 -10.78 17.93 -23.10
CA ILE D 103 -11.61 18.44 -22.02
C ILE D 103 -10.89 19.56 -21.28
N MET D 104 -11.61 20.64 -20.99
CA MET D 104 -11.14 21.74 -20.18
C MET D 104 -11.82 21.73 -18.82
N MET D 105 -11.12 22.24 -17.83
CA MET D 105 -11.75 22.56 -16.56
C MET D 105 -11.80 24.07 -16.45
N ALA D 106 -12.96 24.59 -16.07
CA ALA D 106 -13.20 26.03 -16.10
C ALA D 106 -14.02 26.43 -14.87
N SER D 107 -13.91 27.70 -14.53
CA SER D 107 -14.67 28.30 -13.46
C SER D 107 -15.46 29.47 -14.04
N PRO D 108 -16.59 29.86 -13.42
CA PRO D 108 -17.43 30.95 -13.94
C PRO D 108 -16.69 32.27 -14.12
N PRO E 1 2.74 5.03 -12.88
CA PRO E 1 1.55 5.88 -12.94
C PRO E 1 0.83 5.90 -11.58
N TYR E 2 0.05 6.95 -11.32
CA TYR E 2 -0.68 7.09 -10.03
C TYR E 2 -2.18 7.14 -10.27
N VAL E 3 -2.94 6.61 -9.32
CA VAL E 3 -4.44 6.65 -9.38
C VAL E 3 -4.93 7.18 -8.03
N PSA E 4 -5.50 8.37 -7.99
CA PSA E 4 -5.96 8.93 -6.74
CB PSA E 4 -5.30 10.29 -6.55
CG PSA E 4 -3.79 10.21 -6.46
CD1 PSA E 4 -3.01 10.86 -7.41
CD2 PSA E 4 -3.17 9.52 -5.43
CE1 PSA E 4 -1.62 10.81 -7.34
CE2 PSA E 4 -1.79 9.47 -5.36
CZ PSA E 4 -1.01 10.12 -6.31
CH PSA E 4 -7.49 9.08 -6.77
OH PSA E 4 -7.93 9.47 -8.06
CM PSA E 4 -8.18 7.77 -6.38
C PSA E 4 -9.68 7.97 -6.22
O PSA E 4 -10.10 8.98 -5.65
N ALA E 5 -10.46 7.01 -6.69
CA ALA E 5 -11.90 6.91 -6.31
C ALA E 5 -12.03 6.45 -4.86
N MET E 6 -12.00 7.40 -3.92
CA MET E 6 -12.10 7.08 -2.47
C MET E 6 -13.55 7.15 -1.99
N HIS E 7 -14.27 8.20 -2.38
CA HIS E 7 -15.66 8.40 -1.89
C HIS E 7 -16.50 9.08 -2.97
N PRO F 1 -2.93 -12.19 2.86
CA PRO F 1 -1.91 -12.62 3.83
C PRO F 1 -1.05 -11.45 4.31
N TYR F 2 -0.40 -11.59 5.45
CA TYR F 2 0.37 -10.48 6.01
C TYR F 2 1.86 -10.76 5.85
N VAL F 3 2.59 -9.70 5.49
CA VAL F 3 4.07 -9.79 5.31
C VAL F 3 4.69 -8.63 6.10
N PSA F 4 5.25 -8.92 7.25
CA PSA F 4 5.81 -7.87 8.06
CB PSA F 4 5.29 -8.05 9.49
CG PSA F 4 3.82 -7.75 9.58
CD1 PSA F 4 3.33 -6.51 9.24
CD2 PSA F 4 2.95 -8.75 10.02
CE1 PSA F 4 1.97 -6.23 9.34
CE2 PSA F 4 1.59 -8.48 10.10
CZ PSA F 4 1.10 -7.23 9.77
CH PSA F 4 7.35 -7.94 8.08
OH PSA F 4 7.81 -9.26 8.35
CM PSA F 4 8.01 -7.43 6.79
C PSA F 4 9.50 -7.28 6.97
O PSA F 4 9.96 -6.96 8.08
N ALA F 5 10.28 -7.50 5.91
CA ALA F 5 11.70 -7.09 5.87
C ALA F 5 11.78 -5.57 5.75
N MET F 6 11.53 -4.86 6.86
CA MET F 6 11.45 -3.41 6.83
C MET F 6 12.81 -2.76 6.91
N HIS F 7 13.77 -3.42 7.53
CA HIS F 7 15.05 -2.84 7.84
C HIS F 7 15.99 -3.96 8.29
C ACT G . 9.57 -5.78 37.80
O ACT G . 10.22 -6.82 38.05
OXT ACT G . 9.87 -4.66 38.26
CH3 ACT G . 8.35 -5.88 36.88
OH2 1PE H . 16.14 -35.27 -9.33
C12 1PE H . 16.46 -34.93 -10.69
C22 1PE H . 16.49 -33.42 -10.86
OH3 1PE H . 17.44 -32.82 -9.98
C13 1PE H . 18.38 -30.76 -9.10
C23 1PE H . 17.58 -31.42 -10.22
OH4 1PE H . 17.70 -30.96 -7.86
C14 1PE H . 17.82 -30.93 -5.48
C24 1PE H . 18.31 -30.28 -6.76
OH5 1PE H . 18.18 -32.30 -5.58
C15 1PE H . 17.94 -34.58 -4.96
C25 1PE H . 17.74 -33.13 -4.52
OH6 1PE H . 17.66 -35.47 -3.91
C16 1PE H . 17.43 -37.75 -3.18
C26 1PE H . 17.71 -36.83 -4.35
OH7 1PE H . 18.42 -37.54 -2.16
C ACT I . -6.10 33.74 3.25
O ACT I . -7.28 33.40 3.47
OXT ACT I . -5.26 33.95 4.16
CH3 ACT I . -5.65 33.87 1.80
OH2 1PE J . -17.51 -1.20 -37.76
C12 1PE J . -17.93 -2.56 -37.56
C22 1PE J . -17.78 -2.97 -36.11
OH3 1PE J . -18.60 -2.18 -35.24
C13 1PE J . -19.48 -1.87 -32.99
C23 1PE J . -18.69 -2.75 -33.95
OH4 1PE J . -18.77 -0.67 -32.76
C14 1PE J . -18.92 1.63 -32.04
C24 1PE J . -19.43 0.20 -31.83
OH5 1PE J . -19.05 1.87 -33.44
C15 1PE J . -18.90 3.15 -35.41
C25 1PE J . -18.86 3.21 -33.89
OH6 1PE J . -18.98 4.45 -35.95
C16 1PE J . -19.22 5.80 -37.91
C26 1PE J . -18.85 4.43 -37.37
OH7 1PE J . -20.59 6.05 -37.59
C ACT K . 9.30 -6.92 2.39
O ACT K . 10.32 -6.29 2.09
OXT ACT K . 8.85 -7.03 3.54
CH3 ACT K . 8.53 -7.62 1.26
#